data_7W5C
#
_entry.id   7W5C
#
_cell.length_a   132.950
_cell.length_b   132.950
_cell.length_c   132.950
_cell.angle_alpha   90.00
_cell.angle_beta   90.00
_cell.angle_gamma   90.00
#
_symmetry.space_group_name_H-M   'I 2 3'
#
loop_
_entity.id
_entity.type
_entity.pdbx_description
1 polymer 'Mitogen-activated protein kinase 4'
2 polymer 'Mitogen-activated protein kinase kinase 1'
3 non-polymer 'PHOSPHOAMINOPHOSPHONIC ACID-ADENYLATE ESTER'
4 non-polymer 'MAGNESIUM ION'
5 water water
#
loop_
_entity_poly.entity_id
_entity_poly.type
_entity_poly.pdbx_seq_one_letter_code
_entity_poly.pdbx_strand_id
1 'polypeptide(L)'
;GVATHGGSYVQYNVYGNLFEVSRKYVPPLRPIGRGAYGIVCAATNSETGEEVAIKKIGNAFDNIIDAKRTLREIKLLKHM
DHENVIAVKDIIKPPQRENFNDVYIVYELMDTDLHQIIRSNQPLTDDHCRFFLYQLLRGLKYVHSANVLHRDLKPSNLLL
NANCDLKLGDFGLARTKSETDFMTEYVVTRWYRAPELLLNCSEYTAAIDIWSVGCILGETMTREPLFPGKDYVHQLRLIT
ELIGSPDDSSLGFLRSDNARRYVRQLPQYPRQNFAARFPNMSAGAVDLLEKMLVFDPSRRITVDEALCHPYLAPLHDINE
EPVCVRPFNFDFEQPTLTEENIKELIYRETVKFNP
;
A
2 'polypeptide(L)' IHRDLKPSNLLIN Q
#
loop_
_chem_comp.id
_chem_comp.type
_chem_comp.name
_chem_comp.formula
ANP non-polymer 'PHOSPHOAMINOPHOSPHONIC ACID-ADENYLATE ESTER' 'C10 H17 N6 O12 P3'
MG non-polymer 'MAGNESIUM ION' 'Mg 2'
#
# COMPACT_ATOMS: atom_id res chain seq x y z
N GLY A 1 10.32 17.03 26.11
CA GLY A 1 11.60 16.62 25.56
C GLY A 1 12.73 16.73 26.56
N VAL A 2 13.67 15.81 26.37
CA VAL A 2 14.84 15.69 27.17
C VAL A 2 15.91 15.61 26.15
N ALA A 3 16.76 16.60 26.08
CA ALA A 3 17.82 16.58 25.10
C ALA A 3 18.85 15.54 25.47
N THR A 4 19.41 14.80 24.50
CA THR A 4 20.44 13.88 24.87
C THR A 4 21.58 13.97 23.87
N HIS A 5 22.59 13.12 24.08
CA HIS A 5 23.76 13.04 23.20
C HIS A 5 24.31 14.43 22.89
N GLY A 6 24.43 15.24 23.95
CA GLY A 6 24.96 16.58 23.84
C GLY A 6 24.00 17.64 23.34
N GLY A 7 22.70 17.34 23.31
CA GLY A 7 21.73 18.25 22.76
C GLY A 7 21.45 18.04 21.28
N SER A 8 22.16 17.12 20.63
CA SER A 8 21.94 16.89 19.19
C SER A 8 20.64 16.14 18.92
N TYR A 9 20.15 15.38 19.90
CA TYR A 9 18.89 14.68 19.79
C TYR A 9 18.03 15.02 20.99
N VAL A 10 16.75 14.73 20.87
CA VAL A 10 15.78 14.98 21.91
C VAL A 10 14.84 13.78 21.91
N GLN A 11 14.49 13.31 23.11
CA GLN A 11 13.50 12.27 23.28
C GLN A 11 12.18 12.89 23.67
N TYR A 12 11.12 12.39 23.05
CA TYR A 12 9.77 12.81 23.38
C TYR A 12 8.99 11.58 23.83
N ASN A 13 8.07 11.77 24.75
CA ASN A 13 7.21 10.68 25.20
C ASN A 13 5.87 10.84 24.49
N VAL A 14 5.53 9.89 23.61
CA VAL A 14 4.28 9.89 22.88
C VAL A 14 3.49 8.67 23.32
N TYR A 15 2.56 8.88 24.24
CA TYR A 15 1.70 7.81 24.79
C TYR A 15 2.52 6.59 25.22
N GLY A 16 3.65 6.84 25.91
CA GLY A 16 4.49 5.80 26.42
C GLY A 16 5.65 5.44 25.52
N ASN A 17 5.48 5.59 24.20
CA ASN A 17 6.56 5.30 23.27
C ASN A 17 7.52 6.49 23.19
N LEU A 18 8.80 6.19 23.37
CA LEU A 18 9.86 7.19 23.31
C LEU A 18 10.31 7.38 21.87
N PHE A 19 10.12 8.59 21.36
CA PHE A 19 10.69 9.00 20.09
C PHE A 19 11.98 9.75 20.38
N GLU A 20 13.09 9.25 19.87
CA GLU A 20 14.36 9.99 19.91
C GLU A 20 14.68 10.44 18.49
N VAL A 21 14.66 11.76 18.28
CA VAL A 21 14.79 12.35 16.95
C VAL A 21 15.77 13.51 17.03
N SER A 22 16.24 13.94 15.86
CA SER A 22 17.16 15.06 15.82
C SER A 22 16.45 16.35 16.23
N ARG A 23 17.27 17.32 16.68
CA ARG A 23 16.77 18.45 17.44
C ARG A 23 15.81 19.32 16.65
N LYS A 24 15.92 19.34 15.32
CA LYS A 24 15.07 20.24 14.53
C LYS A 24 13.61 19.83 14.53
N TYR A 25 13.30 18.60 14.95
CA TYR A 25 11.91 18.13 15.03
C TYR A 25 11.36 18.47 16.41
N VAL A 26 10.30 19.28 16.43
CA VAL A 26 9.71 19.80 17.67
C VAL A 26 8.22 19.50 17.67
N PRO A 27 7.58 19.57 18.86
CA PRO A 27 6.12 19.45 18.98
C PRO A 27 5.38 20.64 18.38
N PRO A 28 4.03 20.59 18.29
CA PRO A 28 3.09 19.54 18.74
C PRO A 28 3.33 18.19 18.07
N LEU A 29 3.20 17.12 18.85
CA LEU A 29 3.35 15.75 18.38
C LEU A 29 1.99 15.09 18.40
N ARG A 30 1.51 14.67 17.23
CA ARG A 30 0.18 14.12 17.10
C ARG A 30 0.30 12.67 16.62
N PRO A 31 -0.12 11.69 17.42
CA PRO A 31 -0.20 10.31 16.92
C PRO A 31 -1.19 10.23 15.79
N ILE A 32 -0.76 9.72 14.62
CA ILE A 32 -1.64 9.66 13.46
C ILE A 32 -1.78 8.26 12.88
N GLY A 33 -1.16 7.26 13.50
CA GLY A 33 -1.35 5.92 13.02
C GLY A 33 -0.39 4.93 13.65
N ARG A 34 -0.78 3.65 13.60
CA ARG A 34 0.03 2.56 14.13
C ARG A 34 -0.24 1.34 13.26
N GLY A 35 0.81 0.77 12.69
CA GLY A 35 0.70 -0.44 11.91
C GLY A 35 1.37 -1.61 12.59
N ALA A 36 1.68 -2.63 11.79
CA ALA A 36 2.35 -3.82 12.31
C ALA A 36 3.80 -3.53 12.64
N TYR A 37 4.42 -2.57 11.97
CA TYR A 37 5.84 -2.32 12.15
C TYR A 37 6.17 -0.91 12.59
N GLY A 38 5.43 0.09 12.17
CA GLY A 38 5.73 1.47 12.49
C GLY A 38 4.68 2.09 13.40
N ILE A 39 5.14 2.95 14.31
CA ILE A 39 4.30 3.91 15.01
C ILE A 39 4.60 5.29 14.44
N VAL A 40 3.55 6.00 14.03
CA VAL A 40 3.68 7.19 13.20
C VAL A 40 3.13 8.39 13.94
N CYS A 41 3.89 9.47 13.91
CA CYS A 41 3.60 10.67 14.68
C CYS A 41 3.91 11.90 13.84
N ALA A 42 2.94 12.81 13.74
CA ALA A 42 3.18 14.09 13.10
C ALA A 42 4.00 15.00 14.02
N ALA A 43 4.84 15.82 13.41
CA ALA A 43 5.70 16.76 14.15
C ALA A 43 5.99 17.94 13.24
N THR A 44 6.73 18.91 13.77
CA THR A 44 7.14 20.07 13.01
C THR A 44 8.64 20.04 12.75
N ASN A 45 9.04 20.35 11.51
CA ASN A 45 10.44 20.65 11.24
C ASN A 45 10.64 22.14 11.46
N SER A 46 11.33 22.49 12.55
CA SER A 46 11.52 23.90 12.90
C SER A 46 12.47 24.61 11.95
N GLU A 47 13.36 23.87 11.30
CA GLU A 47 14.29 24.51 10.37
C GLU A 47 13.59 24.91 9.08
N THR A 48 12.53 24.22 8.67
CA THR A 48 11.84 24.58 7.45
C THR A 48 10.42 25.08 7.68
N GLY A 49 9.93 25.03 8.90
CA GLY A 49 8.55 25.43 9.14
C GLY A 49 7.50 24.52 8.53
N GLU A 50 7.77 23.22 8.45
CA GLU A 50 6.83 22.26 7.86
C GLU A 50 6.37 21.22 8.88
N GLU A 51 5.14 20.76 8.70
CA GLU A 51 4.67 19.58 9.39
C GLU A 51 5.10 18.33 8.63
N VAL A 52 5.45 17.27 9.37
CA VAL A 52 6.00 16.05 8.79
C VAL A 52 5.40 14.87 9.53
N ALA A 53 5.47 13.69 8.92
CA ALA A 53 5.08 12.44 9.56
C ALA A 53 6.35 11.64 9.87
N ILE A 54 6.61 11.40 11.15
CA ILE A 54 7.77 10.62 11.58
C ILE A 54 7.29 9.23 11.94
N LYS A 55 7.78 8.23 11.23
CA LYS A 55 7.44 6.85 11.53
C LYS A 55 8.59 6.20 12.29
N LYS A 56 8.34 5.77 13.51
CA LYS A 56 9.33 5.01 14.27
C LYS A 56 9.15 3.53 13.99
N ILE A 57 10.20 2.88 13.54
CA ILE A 57 10.22 1.42 13.36
C ILE A 57 11.12 0.87 14.44
N GLY A 58 10.50 0.28 15.49
CA GLY A 58 11.26 -0.25 16.60
C GLY A 58 11.89 -1.60 16.24
N ASN A 59 13.14 -1.78 16.66
CA ASN A 59 13.81 -3.08 16.53
C ASN A 59 13.86 -3.51 15.07
N ALA A 60 14.34 -2.59 14.22
CA ALA A 60 14.22 -2.82 12.78
C ALA A 60 15.13 -3.94 12.30
N PHE A 61 16.20 -4.21 13.02
CA PHE A 61 17.25 -5.12 12.58
C PHE A 61 17.33 -6.37 13.45
N ASP A 62 16.20 -6.85 13.94
CA ASP A 62 16.22 -8.02 14.82
C ASP A 62 16.37 -9.32 14.02
N ASN A 63 15.79 -9.38 12.83
CA ASN A 63 15.94 -10.53 11.95
C ASN A 63 15.98 -10.06 10.51
N ILE A 64 16.35 -10.98 9.61
CA ILE A 64 16.60 -10.61 8.22
C ILE A 64 15.31 -10.17 7.52
N ILE A 65 14.16 -10.69 7.93
CA ILE A 65 12.91 -10.35 7.23
C ILE A 65 12.48 -8.93 7.56
N ASP A 66 12.58 -8.53 8.83
CA ASP A 66 12.24 -7.15 9.20
C ASP A 66 13.23 -6.16 8.59
N ALA A 67 14.52 -6.52 8.57
CA ALA A 67 15.54 -5.69 7.97
C ALA A 67 15.24 -5.41 6.50
N LYS A 68 14.91 -6.46 5.74
CA LYS A 68 14.68 -6.29 4.32
C LYS A 68 13.48 -5.40 4.04
N ARG A 69 12.40 -5.56 4.82
CA ARG A 69 11.21 -4.73 4.61
C ARG A 69 11.54 -3.26 4.83
N THR A 70 12.32 -2.96 5.87
CA THR A 70 12.78 -1.58 6.08
C THR A 70 13.68 -1.12 4.95
N LEU A 71 14.49 -2.02 4.38
CA LEU A 71 15.34 -1.61 3.27
C LEU A 71 14.52 -1.36 2.01
N ARG A 72 13.46 -2.15 1.78
CA ARG A 72 12.65 -1.97 0.58
C ARG A 72 11.87 -0.68 0.65
N GLU A 73 11.27 -0.41 1.81
CA GLU A 73 10.52 0.81 2.02
C GLU A 73 11.37 2.02 1.65
N ILE A 74 12.61 2.03 2.12
CA ILE A 74 13.46 3.19 1.94
C ILE A 74 13.93 3.31 0.49
N LYS A 75 14.39 2.19 -0.09
CA LYS A 75 14.98 2.26 -1.43
C LYS A 75 13.90 2.53 -2.48
N LEU A 76 12.77 1.82 -2.39
CA LEU A 76 11.69 2.07 -3.34
C LEU A 76 11.20 3.51 -3.26
N LEU A 77 11.02 4.04 -2.05
CA LEU A 77 10.46 5.39 -1.97
C LEU A 77 11.45 6.47 -2.36
N LYS A 78 12.75 6.26 -2.11
CA LYS A 78 13.74 7.17 -2.69
C LYS A 78 13.82 7.04 -4.20
N HIS A 79 13.45 5.88 -4.74
CA HIS A 79 13.49 5.70 -6.19
C HIS A 79 12.34 6.45 -6.86
N MET A 80 11.12 6.25 -6.36
CA MET A 80 9.93 6.81 -7.01
C MET A 80 9.92 8.32 -6.89
N ASP A 81 9.47 8.98 -7.95
CA ASP A 81 9.23 10.42 -7.94
C ASP A 81 7.95 10.63 -8.74
N HIS A 82 6.82 10.72 -8.01
CA HIS A 82 5.52 10.72 -8.65
C HIS A 82 4.50 11.31 -7.67
N GLU A 83 3.60 12.11 -8.23
CA GLU A 83 2.56 12.79 -7.47
C GLU A 83 1.71 11.84 -6.63
N ASN A 84 1.53 10.59 -7.08
CA ASN A 84 0.69 9.65 -6.35
C ASN A 84 1.48 8.61 -5.55
N VAL A 85 2.76 8.90 -5.28
CA VAL A 85 3.58 8.07 -4.39
C VAL A 85 4.12 8.95 -3.28
N ILE A 86 4.04 8.48 -2.03
CA ILE A 86 4.47 9.26 -0.89
C ILE A 86 5.99 9.44 -0.95
N ALA A 87 6.45 10.65 -0.60
CA ALA A 87 7.85 11.02 -0.68
C ALA A 87 8.50 10.94 0.70
N VAL A 88 9.75 10.51 0.73
CA VAL A 88 10.54 10.49 1.96
C VAL A 88 11.24 11.82 2.09
N LYS A 89 11.07 12.48 3.23
CA LYS A 89 11.75 13.76 3.45
C LYS A 89 13.09 13.60 4.18
N ASP A 90 13.23 12.62 5.06
CA ASP A 90 14.45 12.50 5.86
C ASP A 90 14.48 11.09 6.44
N ILE A 91 15.69 10.63 6.74
CA ILE A 91 15.88 9.42 7.53
C ILE A 91 16.85 9.77 8.65
N ILE A 92 16.41 9.63 9.89
CA ILE A 92 17.18 10.19 10.99
C ILE A 92 18.44 9.38 11.23
N LYS A 93 19.58 10.06 11.27
CA LYS A 93 20.83 9.38 11.58
C LYS A 93 20.85 8.93 13.02
N PRO A 94 21.05 7.64 13.30
CA PRO A 94 21.17 7.18 14.68
C PRO A 94 22.30 7.92 15.39
N PRO A 95 22.11 8.26 16.66
CA PRO A 95 23.15 9.02 17.36
C PRO A 95 24.52 8.38 17.34
N GLN A 96 24.57 7.06 17.45
CA GLN A 96 25.82 6.31 17.36
C GLN A 96 25.58 5.07 16.51
N ARG A 97 26.42 4.90 15.49
CA ARG A 97 26.32 3.74 14.61
C ARG A 97 26.38 2.43 15.40
N GLU A 98 27.10 2.41 16.52
CA GLU A 98 27.25 1.17 17.26
C GLU A 98 25.93 0.68 17.85
N ASN A 99 25.03 1.60 18.21
CA ASN A 99 23.75 1.23 18.81
C ASN A 99 22.60 1.71 17.92
N PHE A 100 22.41 1.02 16.81
CA PHE A 100 21.45 1.40 15.78
C PHE A 100 20.38 0.31 15.75
N ASN A 101 19.29 0.57 16.46
CA ASN A 101 18.19 -0.40 16.57
C ASN A 101 16.88 0.12 16.01
N ASP A 102 16.57 1.41 16.20
CA ASP A 102 15.31 1.98 15.74
C ASP A 102 15.56 2.88 14.53
N VAL A 103 14.73 2.72 13.51
CA VAL A 103 14.78 3.52 12.29
C VAL A 103 13.63 4.50 12.30
N TYR A 104 13.93 5.79 12.11
CA TYR A 104 12.92 6.83 12.00
C TYR A 104 12.90 7.37 10.56
N ILE A 105 11.80 7.12 9.85
CA ILE A 105 11.61 7.66 8.52
C ILE A 105 10.66 8.83 8.61
N VAL A 106 11.06 9.95 7.99
CA VAL A 106 10.29 11.18 8.00
C VAL A 106 9.65 11.32 6.62
N TYR A 107 8.33 11.30 6.58
CA TYR A 107 7.59 11.43 5.34
C TYR A 107 6.90 12.78 5.26
N GLU A 108 6.51 13.12 4.05
CA GLU A 108 5.55 14.19 3.86
C GLU A 108 4.24 13.84 4.58
N LEU A 109 3.62 14.83 5.21
CA LEU A 109 2.46 14.59 6.06
C LEU A 109 1.17 14.66 5.25
N MET A 110 0.31 13.64 5.35
CA MET A 110 -1.02 13.61 4.74
C MET A 110 -2.10 13.71 5.82
N ASP A 111 -3.31 14.13 5.42
CA ASP A 111 -4.33 14.42 6.41
C ASP A 111 -4.89 13.15 7.05
N THR A 112 -4.98 12.05 6.31
CA THR A 112 -5.68 10.86 6.77
C THR A 112 -5.37 9.71 5.79
N ASP A 113 -6.15 8.64 5.83
CA ASP A 113 -5.99 7.57 4.85
C ASP A 113 -7.37 7.10 4.40
N LEU A 114 -7.40 6.24 3.38
CA LEU A 114 -8.70 5.91 2.79
C LEU A 114 -9.52 5.00 3.69
N HIS A 115 -8.87 4.20 4.54
CA HIS A 115 -9.63 3.42 5.51
C HIS A 115 -10.43 4.33 6.44
N GLN A 116 -9.79 5.35 7.01
CA GLN A 116 -10.53 6.24 7.91
C GLN A 116 -11.66 6.95 7.18
N ILE A 117 -11.45 7.28 5.91
CA ILE A 117 -12.49 8.01 5.18
C ILE A 117 -13.68 7.08 4.91
N ILE A 118 -13.41 5.84 4.52
CA ILE A 118 -14.47 4.88 4.23
C ILE A 118 -15.35 4.64 5.46
N ARG A 119 -14.74 4.57 6.65
CA ARG A 119 -15.46 4.37 7.91
C ARG A 119 -16.11 5.64 8.45
N SER A 120 -15.84 6.81 7.88
CA SER A 120 -16.31 8.03 8.51
C SER A 120 -17.76 8.34 8.14
N ASN A 121 -18.37 9.19 8.95
CA ASN A 121 -19.77 9.57 8.83
C ASN A 121 -19.99 10.69 7.80
N GLN A 122 -19.55 10.46 6.56
CA GLN A 122 -19.74 11.45 5.51
C GLN A 122 -19.96 10.74 4.18
N PRO A 123 -20.58 11.40 3.20
CA PRO A 123 -20.80 10.75 1.89
C PRO A 123 -19.51 10.48 1.13
N LEU A 124 -19.52 9.39 0.37
CA LEU A 124 -18.51 9.10 -0.64
C LEU A 124 -19.24 8.99 -1.97
N THR A 125 -19.26 10.09 -2.73
CA THR A 125 -20.00 10.15 -3.99
C THR A 125 -19.29 9.35 -5.09
N ASP A 126 -19.96 9.26 -6.23
CA ASP A 126 -19.37 8.61 -7.40
C ASP A 126 -18.13 9.35 -7.85
N ASP A 127 -18.09 10.67 -7.67
CA ASP A 127 -16.88 11.41 -8.03
C ASP A 127 -15.72 11.13 -7.07
N HIS A 128 -16.00 10.92 -5.77
CA HIS A 128 -14.91 10.51 -4.88
C HIS A 128 -14.33 9.18 -5.31
N CYS A 129 -15.20 8.18 -5.57
CA CYS A 129 -14.70 6.86 -5.92
C CYS A 129 -13.89 6.91 -7.22
N ARG A 130 -14.39 7.64 -8.20
CA ARG A 130 -13.69 7.77 -9.47
C ARG A 130 -12.35 8.47 -9.28
N PHE A 131 -12.33 9.52 -8.47
CA PHE A 131 -11.11 10.30 -8.28
C PHE A 131 -10.07 9.52 -7.48
N PHE A 132 -10.49 8.80 -6.43
CA PHE A 132 -9.56 7.93 -5.71
C PHE A 132 -9.02 6.84 -6.63
N LEU A 133 -9.91 6.18 -7.38
CA LEU A 133 -9.50 5.07 -8.21
C LEU A 133 -8.54 5.52 -9.31
N TYR A 134 -8.81 6.68 -9.91
CA TYR A 134 -7.94 7.15 -10.97
C TYR A 134 -6.53 7.36 -10.45
N GLN A 135 -6.40 7.98 -9.27
CA GLN A 135 -5.06 8.31 -8.76
C GLN A 135 -4.33 7.06 -8.33
N LEU A 136 -5.07 6.11 -7.76
CA LEU A 136 -4.52 4.81 -7.43
C LEU A 136 -3.94 4.13 -8.67
N LEU A 137 -4.74 4.04 -9.74
CA LEU A 137 -4.27 3.43 -10.98
C LEU A 137 -3.10 4.20 -11.57
N ARG A 138 -3.17 5.54 -11.49
CA ARG A 138 -2.11 6.36 -12.05
C ARG A 138 -0.78 6.07 -11.37
N GLY A 139 -0.78 6.01 -10.04
CA GLY A 139 0.42 5.70 -9.31
C GLY A 139 0.89 4.28 -9.54
N LEU A 140 -0.05 3.35 -9.69
CA LEU A 140 0.34 1.97 -9.95
C LEU A 140 0.96 1.82 -11.34
N LYS A 141 0.47 2.60 -12.31
CA LYS A 141 1.07 2.58 -13.64
C LYS A 141 2.55 2.90 -13.56
N TYR A 142 2.89 3.95 -12.80
CA TYR A 142 4.27 4.36 -12.62
C TYR A 142 5.08 3.31 -11.86
N VAL A 143 4.55 2.84 -10.73
CA VAL A 143 5.23 1.82 -9.93
C VAL A 143 5.51 0.57 -10.76
N HIS A 144 4.49 0.06 -11.46
CA HIS A 144 4.70 -1.15 -12.26
C HIS A 144 5.69 -0.91 -13.39
N SER A 145 5.69 0.29 -14.00
CA SER A 145 6.66 0.58 -15.06
C SER A 145 8.10 0.62 -14.54
N ALA A 146 8.29 0.86 -13.23
CA ALA A 146 9.61 0.73 -12.63
C ALA A 146 9.98 -0.72 -12.34
N ASN A 147 9.13 -1.66 -12.74
CA ASN A 147 9.29 -3.11 -12.57
C ASN A 147 9.00 -3.56 -11.15
N VAL A 148 8.13 -2.84 -10.43
CA VAL A 148 7.82 -3.14 -9.04
C VAL A 148 6.34 -3.49 -8.91
N LEU A 149 6.03 -4.56 -8.15
CA LEU A 149 4.68 -4.87 -7.71
C LEU A 149 4.52 -4.46 -6.24
N HIS A 150 3.44 -3.72 -5.93
CA HIS A 150 3.31 -3.22 -4.56
C HIS A 150 2.98 -4.32 -3.58
N ARG A 151 2.03 -5.18 -3.94
CA ARG A 151 1.72 -6.46 -3.30
C ARG A 151 0.94 -6.31 -2.01
N ASP A 152 0.75 -5.12 -1.48
CA ASP A 152 0.03 -5.01 -0.22
C ASP A 152 -0.87 -3.78 -0.23
N LEU A 153 -1.63 -3.60 -1.31
CA LEU A 153 -2.54 -2.47 -1.37
C LEU A 153 -3.75 -2.71 -0.47
N LYS A 154 -4.10 -1.69 0.31
CA LYS A 154 -5.27 -1.71 1.19
C LYS A 154 -5.63 -0.27 1.54
N PRO A 155 -6.88 -0.01 1.90
CA PRO A 155 -7.30 1.38 2.12
C PRO A 155 -6.41 2.13 3.11
N SER A 156 -5.88 1.47 4.12
CA SER A 156 -5.05 2.17 5.09
C SER A 156 -3.65 2.51 4.58
N ASN A 157 -3.21 1.99 3.43
CA ASN A 157 -1.97 2.43 2.77
C ASN A 157 -2.18 3.55 1.75
N LEU A 158 -3.41 3.96 1.50
CA LEU A 158 -3.67 5.01 0.52
C LEU A 158 -3.87 6.29 1.31
N LEU A 159 -2.83 7.13 1.31
CA LEU A 159 -2.83 8.34 2.11
C LEU A 159 -3.58 9.43 1.35
N LEU A 160 -4.32 10.25 2.08
CA LEU A 160 -5.24 11.21 1.48
C LEU A 160 -5.13 12.56 2.15
N ASN A 161 -5.29 13.62 1.35
CA ASN A 161 -5.55 14.95 1.89
C ASN A 161 -7.01 15.32 1.68
N ALA A 162 -7.44 16.35 2.40
CA ALA A 162 -8.84 16.79 2.35
C ALA A 162 -9.27 17.12 0.93
N ASN A 163 -8.37 17.69 0.11
CA ASN A 163 -8.69 17.99 -1.28
C ASN A 163 -8.76 16.73 -2.16
N CYS A 164 -8.67 15.54 -1.56
CA CYS A 164 -8.81 14.22 -2.18
C CYS A 164 -7.57 13.74 -2.92
N ASP A 165 -6.45 14.47 -2.89
CA ASP A 165 -5.16 13.96 -3.33
C ASP A 165 -4.83 12.63 -2.64
N LEU A 166 -4.35 11.67 -3.43
CA LEU A 166 -4.09 10.35 -2.90
C LEU A 166 -2.65 9.95 -3.20
N LYS A 167 -2.01 9.30 -2.22
CA LYS A 167 -0.63 8.84 -2.37
C LYS A 167 -0.49 7.41 -1.88
N LEU A 168 0.08 6.55 -2.71
CA LEU A 168 0.41 5.20 -2.25
C LEU A 168 1.53 5.28 -1.23
N GLY A 169 1.40 4.50 -0.15
CA GLY A 169 2.53 4.37 0.76
C GLY A 169 2.86 2.92 1.04
N ASP A 170 3.76 2.67 2.00
CA ASP A 170 3.94 1.37 2.63
C ASP A 170 4.43 0.30 1.64
N PHE A 171 5.64 0.52 1.10
CA PHE A 171 6.23 -0.33 0.05
C PHE A 171 7.10 -1.47 0.58
N GLY A 172 7.02 -1.78 1.88
CA GLY A 172 7.92 -2.75 2.48
C GLY A 172 7.70 -4.18 2.01
N LEU A 173 6.54 -4.49 1.44
CA LEU A 173 6.26 -5.84 0.96
C LEU A 173 6.35 -5.93 -0.55
N ALA A 174 6.77 -4.85 -1.21
CA ALA A 174 6.84 -4.84 -2.64
C ALA A 174 7.89 -5.84 -3.13
N ARG A 175 7.76 -6.25 -4.39
CA ARG A 175 8.73 -7.08 -5.09
C ARG A 175 9.02 -6.47 -6.45
N THR A 176 10.22 -6.72 -6.96
CA THR A 176 10.44 -6.52 -8.39
C THR A 176 9.79 -7.66 -9.17
N LYS A 177 9.36 -7.36 -10.39
CA LYS A 177 8.70 -8.36 -11.22
C LYS A 177 9.60 -9.56 -11.51
N SER A 178 10.87 -9.48 -11.16
CA SER A 178 11.75 -10.61 -11.33
C SER A 178 11.96 -11.49 -10.08
N GLU A 179 11.77 -10.97 -8.88
CA GLU A 179 12.00 -11.80 -7.70
C GLU A 179 10.79 -12.51 -7.19
N THR A 180 9.79 -12.69 -8.02
CA THR A 180 8.58 -13.35 -7.59
C THR A 180 8.77 -14.62 -6.76
N ASP A 181 8.61 -14.51 -5.46
CA ASP A 181 8.78 -15.67 -4.61
C ASP A 181 7.52 -16.03 -3.78
N PHE A 182 7.31 -17.33 -3.59
CA PHE A 182 6.15 -17.91 -2.88
C PHE A 182 5.71 -17.41 -1.50
N MET A 183 6.70 -17.10 -0.67
CA MET A 183 6.52 -16.63 0.69
C MET A 183 5.78 -15.32 0.76
N THR A 184 4.73 -15.30 1.57
CA THR A 184 3.90 -14.13 1.77
C THR A 184 3.99 -13.69 3.23
N GLU A 185 4.58 -12.52 3.46
CA GLU A 185 4.77 -12.01 4.80
C GLU A 185 3.44 -11.80 5.50
N TYR A 186 3.43 -12.03 6.80
CA TYR A 186 2.25 -11.77 7.60
C TYR A 186 1.82 -10.33 7.49
N VAL A 187 0.56 -10.15 7.16
CA VAL A 187 -0.15 -8.89 7.23
C VAL A 187 -1.25 -9.08 8.27
N VAL A 188 -1.75 -7.98 8.83
CA VAL A 188 -2.94 -8.14 9.67
C VAL A 188 -4.18 -8.09 8.78
N THR A 189 -3.98 -7.97 7.45
CA THR A 189 -5.09 -7.90 6.49
C THR A 189 -4.84 -8.86 5.33
N ARG A 190 -5.44 -10.04 5.38
CA ARG A 190 -5.56 -10.93 4.25
C ARG A 190 -6.71 -10.53 3.33
N TRP A 191 -7.50 -9.53 3.72
CA TRP A 191 -8.77 -9.22 3.07
C TRP A 191 -8.60 -8.71 1.65
N TYR A 192 -7.41 -8.21 1.30
CA TYR A 192 -7.11 -7.64 -0.02
C TYR A 192 -6.16 -8.53 -0.83
N ARG A 193 -5.85 -9.74 -0.37
CA ARG A 193 -4.95 -10.62 -1.13
C ARG A 193 -5.67 -11.31 -2.27
N ALA A 194 -5.03 -11.29 -3.45
CA ALA A 194 -5.48 -12.05 -4.59
C ALA A 194 -5.48 -13.55 -4.30
N PRO A 195 -6.27 -14.31 -5.04
CA PRO A 195 -6.28 -15.78 -4.87
C PRO A 195 -4.92 -16.44 -5.14
N GLU A 196 -4.10 -15.93 -6.06
CA GLU A 196 -2.75 -16.48 -6.23
C GLU A 196 -1.97 -16.45 -4.92
N LEU A 197 -2.10 -15.37 -4.16
CA LEU A 197 -1.42 -15.27 -2.88
C LEU A 197 -2.05 -16.19 -1.84
N LEU A 198 -3.39 -16.24 -1.76
CA LEU A 198 -4.05 -17.10 -0.79
C LEU A 198 -3.68 -18.55 -1.00
N LEU A 199 -3.40 -18.93 -2.24
CA LEU A 199 -3.06 -20.30 -2.60
C LEU A 199 -1.55 -20.49 -2.80
N ASN A 200 -0.73 -19.56 -2.32
CA ASN A 200 0.74 -19.69 -2.35
C ASN A 200 1.26 -20.06 -3.73
N CYS A 201 0.84 -19.30 -4.74
CA CYS A 201 1.45 -19.43 -6.05
C CYS A 201 2.81 -18.72 -6.05
N SER A 202 3.82 -19.39 -6.60
CA SER A 202 5.17 -18.83 -6.60
C SER A 202 5.43 -17.90 -7.77
N GLU A 203 4.80 -18.15 -8.92
CA GLU A 203 4.82 -17.22 -10.03
C GLU A 203 3.51 -16.44 -10.02
N TYR A 204 3.62 -15.12 -10.13
CA TYR A 204 2.46 -14.25 -10.21
C TYR A 204 2.90 -12.90 -10.75
N THR A 205 1.91 -12.09 -11.14
CA THR A 205 2.16 -10.91 -11.94
C THR A 205 1.50 -9.69 -11.33
N ALA A 206 1.49 -8.59 -12.08
CA ALA A 206 0.82 -7.36 -11.70
C ALA A 206 -0.66 -7.58 -11.46
N ALA A 207 -1.21 -8.73 -11.84
CA ALA A 207 -2.61 -9.01 -11.57
C ALA A 207 -2.93 -9.02 -10.07
N ILE A 208 -1.95 -9.28 -9.19
CA ILE A 208 -2.30 -9.31 -7.76
C ILE A 208 -2.65 -7.91 -7.27
N ASP A 209 -1.94 -6.89 -7.76
CA ASP A 209 -2.27 -5.51 -7.39
C ASP A 209 -3.66 -5.14 -7.89
N ILE A 210 -4.01 -5.57 -9.11
CA ILE A 210 -5.32 -5.23 -9.65
C ILE A 210 -6.43 -5.83 -8.79
N TRP A 211 -6.25 -7.07 -8.32
CA TRP A 211 -7.21 -7.66 -7.38
C TRP A 211 -7.44 -6.75 -6.17
N SER A 212 -6.34 -6.24 -5.57
CA SER A 212 -6.48 -5.38 -4.40
C SER A 212 -7.23 -4.11 -4.76
N VAL A 213 -6.98 -3.58 -5.96
CA VAL A 213 -7.64 -2.38 -6.44
C VAL A 213 -9.14 -2.62 -6.51
N GLY A 214 -9.57 -3.78 -7.02
CA GLY A 214 -10.98 -4.11 -7.02
C GLY A 214 -11.58 -4.22 -5.63
N CYS A 215 -10.87 -4.87 -4.71
CA CYS A 215 -11.37 -4.90 -3.33
C CYS A 215 -11.54 -3.49 -2.78
N ILE A 216 -10.63 -2.60 -3.13
CA ILE A 216 -10.66 -1.25 -2.59
C ILE A 216 -11.82 -0.48 -3.22
N LEU A 217 -11.94 -0.55 -4.55
CA LEU A 217 -13.04 0.11 -5.24
C LEU A 217 -14.38 -0.34 -4.67
N GLY A 218 -14.55 -1.66 -4.55
CA GLY A 218 -15.81 -2.18 -4.02
C GLY A 218 -16.10 -1.68 -2.62
N GLU A 219 -15.07 -1.59 -1.79
CA GLU A 219 -15.22 -1.06 -0.43
C GLU A 219 -15.58 0.42 -0.43
N THR A 220 -15.07 1.21 -1.40
CA THR A 220 -15.45 2.62 -1.46
C THR A 220 -16.93 2.78 -1.83
N MET A 221 -17.48 1.86 -2.63
CA MET A 221 -18.88 1.91 -3.05
C MET A 221 -19.81 1.38 -1.97
N THR A 222 -19.45 0.27 -1.30
CA THR A 222 -20.32 -0.34 -0.30
C THR A 222 -20.07 0.14 1.12
N ARG A 223 -18.89 0.72 1.39
CA ARG A 223 -18.43 1.18 2.68
C ARG A 223 -18.11 0.04 3.64
N GLU A 224 -18.04 -1.20 3.17
CA GLU A 224 -17.68 -2.41 3.90
C GLU A 224 -16.63 -3.19 3.12
N PRO A 225 -15.69 -3.85 3.80
CA PRO A 225 -14.81 -4.78 3.08
C PRO A 225 -15.63 -5.82 2.35
N LEU A 226 -15.23 -6.16 1.13
CA LEU A 226 -15.96 -7.18 0.39
C LEU A 226 -15.75 -8.57 0.99
N PHE A 227 -14.52 -8.90 1.36
CA PHE A 227 -14.12 -10.28 1.67
C PHE A 227 -13.39 -10.33 3.00
N PRO A 228 -14.12 -10.00 4.21
CA PRO A 228 -13.41 -10.04 5.51
C PRO A 228 -13.39 -11.43 6.12
N GLY A 229 -12.64 -12.33 5.49
CA GLY A 229 -12.54 -13.68 6.02
C GLY A 229 -11.92 -13.67 7.40
N LYS A 230 -12.48 -14.47 8.29
CA LYS A 230 -11.90 -14.60 9.62
C LYS A 230 -10.66 -15.47 9.62
N ASP A 231 -10.46 -16.25 8.56
CA ASP A 231 -9.24 -17.01 8.30
C ASP A 231 -9.14 -17.17 6.79
N TYR A 232 -8.12 -17.92 6.34
CA TYR A 232 -7.86 -18.01 4.90
C TYR A 232 -8.85 -18.89 4.15
N VAL A 233 -9.43 -19.89 4.83
CA VAL A 233 -10.47 -20.70 4.20
C VAL A 233 -11.75 -19.89 4.04
N HIS A 234 -12.14 -19.18 5.10
CA HIS A 234 -13.32 -18.32 5.03
C HIS A 234 -13.16 -17.27 3.96
N GLN A 235 -11.92 -16.79 3.78
CA GLN A 235 -11.66 -15.75 2.80
C GLN A 235 -11.93 -16.24 1.38
N LEU A 236 -11.37 -17.40 1.04
CA LEU A 236 -11.63 -17.98 -0.28
C LEU A 236 -13.13 -18.19 -0.49
N ARG A 237 -13.84 -18.63 0.54
CA ARG A 237 -15.27 -18.90 0.40
C ARG A 237 -16.03 -17.62 0.10
N LEU A 238 -15.76 -16.55 0.87
CA LEU A 238 -16.41 -15.26 0.61
C LEU A 238 -16.14 -14.78 -0.82
N ILE A 239 -14.95 -15.05 -1.34
CA ILE A 239 -14.66 -14.64 -2.71
C ILE A 239 -15.58 -15.39 -3.66
N THR A 240 -15.63 -16.71 -3.53
CA THR A 240 -16.42 -17.51 -4.45
C THR A 240 -17.92 -17.36 -4.20
N GLU A 241 -18.32 -16.88 -3.02
CA GLU A 241 -19.72 -16.55 -2.81
C GLU A 241 -20.15 -15.34 -3.63
N LEU A 242 -19.21 -14.44 -3.96
CA LEU A 242 -19.55 -13.30 -4.80
C LEU A 242 -19.37 -13.59 -6.29
N ILE A 243 -18.22 -14.15 -6.69
CA ILE A 243 -17.94 -14.27 -8.12
C ILE A 243 -18.18 -15.67 -8.65
N GLY A 244 -18.53 -16.61 -7.79
CA GLY A 244 -18.76 -17.97 -8.22
C GLY A 244 -17.52 -18.82 -8.09
N SER A 245 -17.75 -20.12 -8.00
CA SER A 245 -16.65 -21.04 -7.87
C SER A 245 -15.90 -21.16 -9.19
N PRO A 246 -14.59 -21.20 -9.16
CA PRO A 246 -13.82 -21.27 -10.41
C PRO A 246 -14.05 -22.61 -11.11
N ASP A 247 -14.21 -22.54 -12.44
CA ASP A 247 -14.20 -23.73 -13.28
C ASP A 247 -12.75 -24.19 -13.50
N ASP A 248 -12.59 -25.29 -14.25
CA ASP A 248 -11.25 -25.92 -14.36
C ASP A 248 -10.27 -25.04 -15.12
N SER A 249 -10.75 -24.30 -16.13
CA SER A 249 -9.89 -23.35 -16.83
C SER A 249 -9.44 -22.22 -15.92
N SER A 250 -10.31 -21.76 -15.01
CA SER A 250 -9.92 -20.70 -14.10
C SER A 250 -8.92 -21.16 -13.06
N LEU A 251 -8.80 -22.47 -12.84
CA LEU A 251 -7.85 -23.02 -11.89
C LEU A 251 -6.54 -23.43 -12.56
N GLY A 252 -6.36 -23.05 -13.83
CA GLY A 252 -5.19 -23.51 -14.56
C GLY A 252 -3.89 -23.08 -13.93
N PHE A 253 -3.87 -21.89 -13.31
CA PHE A 253 -2.63 -21.36 -12.76
C PHE A 253 -2.17 -22.09 -11.50
N LEU A 254 -2.99 -22.96 -10.91
CA LEU A 254 -2.55 -23.68 -9.73
C LEU A 254 -1.53 -24.75 -10.11
N ARG A 255 -0.62 -25.03 -9.18
CA ARG A 255 0.51 -25.90 -9.46
C ARG A 255 0.50 -27.19 -8.66
N SER A 256 -0.51 -27.44 -7.83
CA SER A 256 -0.60 -28.74 -7.18
C SER A 256 -2.04 -29.20 -7.14
N ASP A 257 -2.19 -30.53 -7.08
CA ASP A 257 -3.47 -31.13 -6.74
C ASP A 257 -3.91 -30.77 -5.33
N ASN A 258 -2.94 -30.57 -4.41
CA ASN A 258 -3.26 -30.13 -3.05
C ASN A 258 -4.03 -28.81 -3.06
N ALA A 259 -3.53 -27.82 -3.79
CA ALA A 259 -4.24 -26.55 -3.85
C ALA A 259 -5.56 -26.72 -4.60
N ARG A 260 -5.58 -27.57 -5.61
CA ARG A 260 -6.80 -27.84 -6.36
C ARG A 260 -7.89 -28.44 -5.47
N ARG A 261 -7.55 -29.46 -4.68
CA ARG A 261 -8.55 -30.06 -3.81
C ARG A 261 -9.00 -29.08 -2.72
N TYR A 262 -8.07 -28.26 -2.21
CA TYR A 262 -8.40 -27.21 -1.27
C TYR A 262 -9.58 -26.39 -1.80
N VAL A 263 -9.45 -25.85 -3.02
CA VAL A 263 -10.49 -24.98 -3.58
C VAL A 263 -11.79 -25.74 -3.79
N ARG A 264 -11.73 -26.96 -4.33
CA ARG A 264 -12.92 -27.73 -4.65
C ARG A 264 -13.57 -28.41 -3.45
N GLN A 265 -12.91 -28.45 -2.28
CA GLN A 265 -13.60 -28.90 -1.08
C GLN A 265 -14.51 -27.82 -0.53
N LEU A 266 -14.36 -26.58 -0.98
CA LEU A 266 -15.27 -25.52 -0.60
C LEU A 266 -16.65 -25.83 -1.15
N PRO A 267 -17.71 -25.26 -0.55
CA PRO A 267 -19.03 -25.33 -1.19
C PRO A 267 -18.98 -24.62 -2.52
N GLN A 268 -19.65 -25.18 -3.52
CA GLN A 268 -19.62 -24.60 -4.85
C GLN A 268 -20.76 -23.61 -4.99
N TYR A 269 -20.47 -22.47 -5.60
CA TYR A 269 -21.41 -21.37 -5.70
C TYR A 269 -21.51 -20.91 -7.15
N PRO A 270 -22.67 -20.38 -7.55
CA PRO A 270 -22.79 -19.78 -8.87
C PRO A 270 -22.29 -18.34 -8.89
N ARG A 271 -21.76 -17.95 -10.04
CA ARG A 271 -21.28 -16.60 -10.25
C ARG A 271 -22.42 -15.59 -10.17
N GLN A 272 -22.40 -14.72 -9.17
CA GLN A 272 -23.51 -13.80 -8.96
C GLN A 272 -23.48 -12.67 -9.97
N ASN A 273 -24.67 -12.21 -10.32
CA ASN A 273 -24.78 -11.04 -11.19
C ASN A 273 -24.42 -9.80 -10.38
N PHE A 274 -23.38 -9.09 -10.83
CA PHE A 274 -22.84 -7.97 -10.07
C PHE A 274 -23.84 -6.83 -9.96
N ALA A 275 -24.67 -6.62 -10.98
CA ALA A 275 -25.68 -5.58 -10.90
C ALA A 275 -26.66 -5.87 -9.77
N ALA A 276 -27.03 -7.15 -9.60
CA ALA A 276 -27.96 -7.53 -8.54
C ALA A 276 -27.36 -7.27 -7.17
N ARG A 277 -26.09 -7.68 -6.97
CA ARG A 277 -25.42 -7.47 -5.71
C ARG A 277 -25.14 -6.01 -5.43
N PHE A 278 -24.87 -5.21 -6.46
CA PHE A 278 -24.55 -3.80 -6.27
C PHE A 278 -25.54 -2.93 -7.04
N PRO A 279 -26.80 -2.91 -6.63
CA PRO A 279 -27.80 -2.08 -7.32
C PRO A 279 -27.65 -0.62 -6.90
N ASN A 280 -28.31 0.25 -7.68
CA ASN A 280 -28.32 1.69 -7.44
C ASN A 280 -26.91 2.24 -7.28
N MET A 281 -25.99 1.73 -8.09
CA MET A 281 -24.63 2.24 -8.18
C MET A 281 -24.28 2.49 -9.63
N SER A 282 -23.12 3.09 -9.86
CA SER A 282 -22.71 3.51 -11.19
C SER A 282 -22.44 2.30 -12.08
N ALA A 283 -23.08 2.24 -13.24
CA ALA A 283 -22.89 1.09 -14.13
C ALA A 283 -21.44 0.95 -14.58
N GLY A 284 -20.80 2.08 -14.91
CA GLY A 284 -19.36 2.04 -15.18
C GLY A 284 -18.56 1.46 -14.03
N ALA A 285 -18.93 1.80 -12.78
CA ALA A 285 -18.13 1.32 -11.65
C ALA A 285 -18.30 -0.18 -11.47
N VAL A 286 -19.55 -0.65 -11.49
CA VAL A 286 -19.82 -2.08 -11.33
C VAL A 286 -19.14 -2.86 -12.44
N ASP A 287 -19.18 -2.32 -13.67
CA ASP A 287 -18.57 -3.02 -14.78
C ASP A 287 -17.07 -3.18 -14.57
N LEU A 288 -16.42 -2.12 -14.08
CA LEU A 288 -14.98 -2.19 -13.84
C LEU A 288 -14.67 -3.11 -12.67
N LEU A 289 -15.48 -3.06 -11.61
CA LEU A 289 -15.28 -3.93 -10.47
C LEU A 289 -15.31 -5.39 -10.89
N GLU A 290 -16.27 -5.75 -11.75
CA GLU A 290 -16.41 -7.12 -12.22
C GLU A 290 -15.21 -7.56 -13.07
N LYS A 291 -14.57 -6.64 -13.77
CA LYS A 291 -13.40 -6.98 -14.57
C LYS A 291 -12.12 -7.10 -13.75
N MET A 292 -12.07 -6.49 -12.56
CA MET A 292 -10.92 -6.66 -11.66
C MET A 292 -11.05 -7.92 -10.79
N LEU A 293 -12.25 -8.20 -10.29
CA LEU A 293 -12.45 -9.31 -9.37
C LEU A 293 -12.75 -10.59 -10.14
N VAL A 294 -11.74 -11.01 -10.89
CA VAL A 294 -11.81 -12.20 -11.71
C VAL A 294 -10.84 -13.21 -11.11
N PHE A 295 -11.32 -14.41 -10.80
CA PHE A 295 -10.50 -15.39 -10.08
C PHE A 295 -9.21 -15.69 -10.84
N ASP A 296 -9.31 -16.02 -12.11
CA ASP A 296 -8.18 -16.31 -12.98
C ASP A 296 -7.39 -15.04 -13.26
N PRO A 297 -6.16 -14.90 -12.74
CA PRO A 297 -5.41 -13.64 -12.95
C PRO A 297 -5.11 -13.35 -14.39
N SER A 298 -4.97 -14.38 -15.24
CA SER A 298 -4.69 -14.07 -16.63
C SER A 298 -5.87 -13.44 -17.33
N ARG A 299 -7.03 -13.41 -16.67
CA ARG A 299 -8.22 -12.82 -17.25
C ARG A 299 -8.62 -11.53 -16.58
N ARG A 300 -7.82 -11.02 -15.63
CA ARG A 300 -8.09 -9.73 -14.99
C ARG A 300 -7.66 -8.61 -15.91
N ILE A 301 -8.45 -7.55 -15.92
CA ILE A 301 -8.05 -6.32 -16.57
C ILE A 301 -6.73 -5.83 -15.98
N THR A 302 -5.92 -5.20 -16.82
CA THR A 302 -4.65 -4.63 -16.40
C THR A 302 -4.84 -3.17 -15.97
N VAL A 303 -3.78 -2.62 -15.36
CA VAL A 303 -3.78 -1.21 -14.95
C VAL A 303 -4.04 -0.31 -16.15
N ASP A 304 -3.33 -0.56 -17.27
CA ASP A 304 -3.47 0.30 -18.43
C ASP A 304 -4.87 0.22 -19.04
N GLU A 305 -5.45 -0.98 -19.11
CA GLU A 305 -6.81 -1.10 -19.64
C GLU A 305 -7.80 -0.43 -18.69
N ALA A 306 -7.55 -0.51 -17.38
CA ALA A 306 -8.46 0.12 -16.43
C ALA A 306 -8.44 1.64 -16.60
N LEU A 307 -7.27 2.21 -16.89
CA LEU A 307 -7.21 3.65 -17.10
C LEU A 307 -8.00 4.10 -18.32
N CYS A 308 -8.20 3.20 -19.29
CA CYS A 308 -9.01 3.50 -20.47
C CYS A 308 -10.45 3.03 -20.34
N HIS A 309 -10.85 2.51 -19.17
CA HIS A 309 -12.24 2.15 -18.95
C HIS A 309 -13.13 3.38 -18.99
N PRO A 310 -14.37 3.24 -19.49
CA PRO A 310 -15.31 4.39 -19.51
C PRO A 310 -15.50 5.08 -18.17
N TYR A 311 -15.55 4.32 -17.09
CA TYR A 311 -15.72 4.90 -15.77
C TYR A 311 -14.69 5.99 -15.48
N LEU A 312 -13.47 5.85 -16.02
CA LEU A 312 -12.41 6.83 -15.78
C LEU A 312 -12.23 7.83 -16.92
N ALA A 313 -12.95 7.67 -18.02
CA ALA A 313 -12.84 8.61 -19.14
C ALA A 313 -12.89 10.08 -18.72
N PRO A 314 -13.71 10.51 -17.75
CA PRO A 314 -13.65 11.91 -17.31
C PRO A 314 -12.27 12.35 -16.86
N LEU A 315 -11.44 11.45 -16.32
CA LEU A 315 -10.15 11.84 -15.77
C LEU A 315 -8.97 11.40 -16.62
N HIS A 316 -9.18 10.46 -17.54
CA HIS A 316 -8.08 9.84 -18.26
C HIS A 316 -7.44 10.79 -19.26
N ASP A 317 -6.12 10.86 -19.24
CA ASP A 317 -5.36 11.74 -20.12
C ASP A 317 -3.94 11.20 -20.17
N ILE A 318 -3.54 10.65 -21.33
CA ILE A 318 -2.20 10.06 -21.44
C ILE A 318 -1.11 11.10 -21.25
N ASN A 319 -1.42 12.38 -21.45
CA ASN A 319 -0.41 13.40 -21.21
C ASN A 319 -0.03 13.51 -19.74
N GLU A 320 -0.91 13.09 -18.83
CA GLU A 320 -0.70 13.24 -17.40
C GLU A 320 -0.48 11.91 -16.70
N GLU A 321 -0.01 10.88 -17.41
CA GLU A 321 0.16 9.54 -16.82
C GLU A 321 1.56 9.04 -17.14
N PRO A 322 2.57 9.62 -16.50
CA PRO A 322 3.94 9.26 -16.81
C PRO A 322 4.24 7.82 -16.42
N VAL A 323 5.29 7.30 -17.04
CA VAL A 323 5.90 6.06 -16.58
C VAL A 323 7.23 6.41 -15.97
N CYS A 324 7.82 5.44 -15.28
CA CYS A 324 9.16 5.55 -14.74
C CYS A 324 10.16 5.13 -15.82
N VAL A 325 10.96 6.08 -16.29
CA VAL A 325 12.00 5.76 -17.26
C VAL A 325 13.26 5.19 -16.63
N ARG A 326 13.33 5.11 -15.31
CA ARG A 326 14.51 4.55 -14.64
C ARG A 326 14.09 3.30 -13.86
N PRO A 327 14.39 2.10 -14.36
CA PRO A 327 13.92 0.88 -13.67
C PRO A 327 14.67 0.64 -12.37
N PHE A 328 13.95 0.05 -11.43
CA PHE A 328 14.55 -0.28 -10.13
C PHE A 328 15.35 -1.57 -10.25
N ASN A 329 16.62 -1.53 -9.84
CA ASN A 329 17.51 -2.65 -10.08
C ASN A 329 18.16 -3.24 -8.83
N PHE A 330 17.89 -2.69 -7.64
CA PHE A 330 18.48 -3.27 -6.45
C PHE A 330 17.91 -4.66 -6.21
N ASP A 331 18.76 -5.56 -5.75
CA ASP A 331 18.42 -6.96 -5.59
C ASP A 331 18.41 -7.28 -4.10
N PHE A 332 17.25 -7.26 -3.50
CA PHE A 332 17.11 -7.58 -2.06
C PHE A 332 17.32 -9.06 -1.77
N GLU A 333 17.69 -9.91 -2.73
CA GLU A 333 17.84 -11.34 -2.46
C GLU A 333 19.26 -11.82 -2.69
N GLN A 334 20.23 -10.91 -2.73
CA GLN A 334 21.63 -11.33 -2.74
C GLN A 334 21.90 -12.18 -1.50
N PRO A 335 22.62 -13.30 -1.65
CA PRO A 335 22.88 -14.16 -0.48
C PRO A 335 23.84 -13.56 0.54
N THR A 336 24.57 -12.51 0.21
CA THR A 336 25.44 -11.89 1.19
C THR A 336 24.74 -10.78 1.99
N LEU A 337 23.41 -10.78 2.04
CA LEU A 337 22.68 -9.79 2.80
C LEU A 337 22.40 -10.34 4.20
N THR A 338 22.87 -9.61 5.21
CA THR A 338 22.65 -9.93 6.62
C THR A 338 21.92 -8.77 7.30
N GLU A 339 21.45 -9.00 8.52
CA GLU A 339 20.95 -7.86 9.30
C GLU A 339 22.01 -6.78 9.44
N GLU A 340 23.28 -7.17 9.51
CA GLU A 340 24.33 -6.21 9.82
C GLU A 340 24.71 -5.36 8.61
N ASN A 341 24.78 -5.96 7.41
CA ASN A 341 25.09 -5.09 6.28
C ASN A 341 23.85 -4.32 5.82
N ILE A 342 22.65 -4.87 6.02
CA ILE A 342 21.47 -4.06 5.78
C ILE A 342 21.47 -2.84 6.70
N LYS A 343 21.89 -3.03 7.96
CA LYS A 343 22.02 -1.90 8.87
C LYS A 343 23.00 -0.87 8.32
N GLU A 344 24.09 -1.34 7.73
CA GLU A 344 25.11 -0.42 7.20
C GLU A 344 24.58 0.36 6.01
N LEU A 345 23.93 -0.32 5.05
CA LEU A 345 23.24 0.36 3.95
C LEU A 345 22.27 1.43 4.44
N ILE A 346 21.40 1.10 5.39
CA ILE A 346 20.42 2.10 5.83
C ILE A 346 21.14 3.23 6.54
N TYR A 347 22.13 2.91 7.38
CA TYR A 347 22.93 3.97 7.99
C TYR A 347 23.52 4.88 6.92
N ARG A 348 23.90 4.32 5.78
CA ARG A 348 24.47 5.14 4.71
C ARG A 348 23.39 6.04 4.09
N GLU A 349 22.19 5.51 3.91
CA GLU A 349 21.11 6.34 3.43
C GLU A 349 20.83 7.50 4.38
N THR A 350 21.03 7.32 5.68
CA THR A 350 20.77 8.41 6.61
C THR A 350 21.83 9.46 6.53
N VAL A 351 23.03 9.10 6.13
CA VAL A 351 24.09 10.09 6.02
C VAL A 351 23.85 10.87 4.76
N LYS A 352 23.24 10.24 3.77
CA LYS A 352 22.87 11.03 2.60
C LYS A 352 22.01 12.22 3.01
N PHE A 353 21.16 12.04 4.03
CA PHE A 353 20.31 13.11 4.56
C PHE A 353 20.98 13.96 5.63
N ASN A 354 21.87 13.39 6.45
CA ASN A 354 22.48 14.11 7.57
C ASN A 354 23.95 13.76 7.68
N PRO A 355 24.81 14.38 6.85
CA PRO A 355 26.24 14.03 6.76
C PRO A 355 27.00 14.14 8.08
N ILE B 1 -7.74 20.44 -13.05
CA ILE B 1 -8.89 19.55 -13.11
C ILE B 1 -10.16 20.41 -13.53
N HIS B 2 -11.31 19.78 -13.86
CA HIS B 2 -12.53 20.36 -14.42
C HIS B 2 -13.69 20.38 -13.44
N ARG B 3 -14.27 21.56 -13.25
CA ARG B 3 -15.34 21.64 -12.23
C ARG B 3 -16.44 20.60 -12.40
N ASP B 4 -16.51 19.93 -13.55
CA ASP B 4 -17.48 18.89 -13.86
C ASP B 4 -17.33 17.64 -13.00
N LEU B 5 -16.33 17.56 -12.12
CA LEU B 5 -16.04 16.33 -11.40
C LEU B 5 -15.11 16.54 -10.20
N LYS B 6 -14.56 17.77 -9.95
CA LYS B 6 -13.89 18.07 -8.68
C LYS B 6 -14.73 17.53 -7.56
N PRO B 7 -14.31 16.51 -6.83
CA PRO B 7 -15.11 16.09 -5.70
C PRO B 7 -15.01 17.12 -4.57
N SER B 8 -16.03 17.10 -3.72
CA SER B 8 -16.03 17.99 -2.57
C SER B 8 -14.91 17.59 -1.61
N ASN B 9 -14.40 18.59 -0.89
CA ASN B 9 -13.34 18.36 0.09
C ASN B 9 -13.85 17.52 1.25
N LEU B 10 -13.00 16.62 1.71
CA LEU B 10 -13.33 15.66 2.74
C LEU B 10 -13.29 16.30 4.13
N LEU B 11 -14.19 15.84 5.00
CA LEU B 11 -14.10 16.12 6.43
C LEU B 11 -13.11 15.16 7.09
N ILE B 12 -12.24 15.72 7.94
CA ILE B 12 -11.16 14.98 8.57
C ILE B 12 -11.03 15.43 10.02
N ASN B 13 -10.76 14.48 10.91
CA ASN B 13 -10.72 14.79 12.34
C ASN B 13 -9.34 15.29 12.76
PG ANP C . 1.47 -1.90 7.84
O1G ANP C . 1.21 -2.62 6.54
O2G ANP C . 1.96 -2.80 8.95
O3G ANP C . 0.33 -0.98 8.27
PB ANP C . 3.46 0.18 8.80
O1B ANP C . 3.33 -0.58 10.10
O2B ANP C . 4.82 0.65 8.37
N3B ANP C . 2.80 -0.82 7.52
PA ANP C . 2.03 2.27 7.61
O1A ANP C . 3.22 2.84 6.91
O2A ANP C . 1.08 1.35 6.87
O3A ANP C . 2.53 1.49 8.93
O5' ANP C . 1.17 3.49 8.23
C5' ANP C . 0.73 3.44 9.59
C4' ANP C . -0.51 4.31 9.75
O4' ANP C . -0.13 5.68 9.89
C3' ANP C . -1.43 4.21 8.54
O3' ANP C . -2.70 3.71 8.94
C2' ANP C . -1.55 5.60 7.98
O2' ANP C . -2.92 6.02 8.01
C1' ANP C . -0.71 6.50 8.87
N9 ANP C . 0.36 7.15 8.08
C8 ANP C . 1.47 6.55 7.62
N7 ANP C . 2.25 7.42 6.92
C5 ANP C . 1.62 8.61 6.92
C6 ANP C . 1.89 9.96 6.37
N6 ANP C . 3.01 10.22 5.65
N1 ANP C . 0.97 10.93 6.60
C2 ANP C . -0.15 10.69 7.31
N3 ANP C . -0.46 9.49 7.84
C4 ANP C . 0.37 8.42 7.68
MG MG D . 7.02 -0.01 5.51
#